data_7Q51
#
_entry.id   7Q51
#
_cell.length_a   99.228
_cell.length_b   99.228
_cell.length_c   81.022
_cell.angle_alpha   90.00
_cell.angle_beta   90.00
_cell.angle_gamma   120.00
#
_symmetry.space_group_name_H-M   'P 31 2 1'
#
loop_
_entity.id
_entity.type
_entity.pdbx_description
1 polymer 'Uncharacterized protein YGR066C'
2 polymer 'FWLPANLW peptide'
3 non-polymer 'CHLORIDE ION'
4 water water
#
loop_
_entity_poly.entity_id
_entity_poly.type
_entity_poly.pdbx_seq_one_letter_code
_entity_poly.pdbx_strand_id
1 'polypeptide(L)'
;GSGSAKYTYRSLGRHLDFLRPGLRFGGSQSSKYTYYTVEVKIDTVNLPLYKDSRSLDPHVTGTFTIKNLTPVLDKVVTLF
EGYVINYNQFPLCSLHWPAEETLDPYMAQRESDCSHWKRFGHFGSDNWSLTERNFGQYNHESAEFMNQRYIYLKWKERFL
LDDEEQENLMLDDNHHLEGASFEGFYYVCLDQLTGSVEGYYYHPACELFQKLELVPTNCDALNT
;
A
2 'polypeptide(L)' FWLPANLW B
#
# COMPACT_ATOMS: atom_id res chain seq x y z
N THR A 8 -8.56 29.56 9.21
CA THR A 8 -7.83 29.25 10.43
C THR A 8 -7.73 27.75 10.68
N TYR A 9 -8.82 27.02 10.47
CA TYR A 9 -8.92 25.63 10.88
C TYR A 9 -8.70 24.68 9.71
N ARG A 10 -8.33 23.45 10.05
CA ARG A 10 -8.02 22.39 9.09
C ARG A 10 -8.96 21.21 9.29
N SER A 11 -9.25 20.52 8.18
CA SER A 11 -10.23 19.44 8.22
C SER A 11 -9.72 18.26 9.03
N LEU A 12 -10.62 17.59 9.74
CA LEU A 12 -10.33 16.37 10.45
C LEU A 12 -10.22 15.15 9.55
N GLY A 13 -10.52 15.31 8.25
CA GLY A 13 -10.56 14.18 7.36
C GLY A 13 -11.83 13.37 7.51
N ARG A 14 -11.79 12.18 6.93
CA ARG A 14 -12.91 11.25 6.97
C ARG A 14 -12.37 9.84 7.14
N HIS A 15 -13.23 8.95 7.61
CA HIS A 15 -12.98 7.52 7.56
C HIS A 15 -13.87 6.91 6.50
N LEU A 16 -13.37 5.86 5.86
CA LEU A 16 -14.13 5.18 4.82
C LEU A 16 -14.57 3.82 5.36
N ASP A 17 -15.70 3.33 4.83
CA ASP A 17 -16.24 2.04 5.29
C ASP A 17 -15.18 0.94 5.26
N PHE A 18 -14.32 0.95 4.24
CA PHE A 18 -13.26 -0.05 4.10
C PHE A 18 -11.87 0.54 4.24
N LEU A 19 -11.74 1.69 4.91
CA LEU A 19 -10.43 2.24 5.26
C LEU A 19 -10.66 3.08 6.51
N ARG A 20 -10.62 2.42 7.67
CA ARG A 20 -10.97 3.01 8.94
C ARG A 20 -10.18 2.30 10.03
N PRO A 21 -9.94 2.96 11.16
CA PRO A 21 -9.26 2.30 12.28
C PRO A 21 -10.04 1.07 12.75
N GLY A 22 -9.30 0.03 13.13
CA GLY A 22 -9.89 -1.17 13.69
C GLY A 22 -10.28 -2.21 12.68
N LEU A 23 -10.15 -1.93 11.39
CA LEU A 23 -10.60 -2.83 10.34
C LEU A 23 -9.60 -3.97 10.14
N ARG A 24 -10.11 -5.21 10.12
CA ARG A 24 -9.31 -6.38 9.76
C ARG A 24 -9.56 -6.85 8.33
N PHE A 25 -8.48 -7.27 7.67
CA PHE A 25 -8.52 -8.06 6.45
C PHE A 25 -7.75 -9.36 6.68
N GLY A 26 -8.16 -10.40 5.97
CA GLY A 26 -7.42 -11.65 5.97
C GLY A 26 -7.28 -12.16 4.55
N GLY A 27 -6.22 -12.94 4.33
CA GLY A 27 -5.98 -13.52 3.02
C GLY A 27 -4.62 -14.16 2.88
N SER A 28 -3.96 -13.93 1.75
CA SER A 28 -2.74 -14.64 1.41
C SER A 28 -1.73 -13.71 0.74
N GLN A 29 -0.46 -14.08 0.86
CA GLN A 29 0.60 -13.53 0.04
C GLN A 29 1.31 -14.70 -0.63
N SER A 30 1.46 -14.63 -1.95
CA SER A 30 1.85 -15.81 -2.70
C SER A 30 2.65 -15.43 -3.94
N SER A 31 3.28 -16.44 -4.53
CA SER A 31 3.99 -16.34 -5.78
C SER A 31 4.39 -17.77 -6.15
N LYS A 32 5.12 -17.93 -7.26
CA LYS A 32 5.44 -19.26 -7.77
C LYS A 32 5.92 -20.20 -6.67
N TYR A 33 6.71 -19.69 -5.73
CA TYR A 33 7.32 -20.55 -4.71
C TYR A 33 6.89 -20.17 -3.29
N THR A 34 5.89 -19.30 -3.14
CA THR A 34 5.49 -18.79 -1.84
C THR A 34 3.99 -18.87 -1.66
N TYR A 35 3.55 -19.27 -0.47
CA TYR A 35 2.17 -19.09 -0.04
C TYR A 35 2.13 -18.97 1.47
N TYR A 36 1.64 -17.84 1.97
CA TYR A 36 1.48 -17.60 3.40
C TYR A 36 0.12 -16.99 3.66
N THR A 37 -0.54 -17.46 4.72
CA THR A 37 -1.73 -16.80 5.24
C THR A 37 -1.33 -15.53 5.98
N VAL A 38 -2.04 -14.43 5.71
CA VAL A 38 -1.70 -13.14 6.30
C VAL A 38 -2.96 -12.44 6.77
N GLU A 39 -2.77 -11.56 7.75
CA GLU A 39 -3.83 -10.71 8.28
C GLU A 39 -3.30 -9.29 8.36
N VAL A 40 -4.12 -8.34 7.92
CA VAL A 40 -3.79 -6.92 7.96
C VAL A 40 -4.80 -6.23 8.86
N LYS A 41 -4.31 -5.34 9.72
CA LYS A 41 -5.20 -4.56 10.58
C LYS A 41 -4.87 -3.10 10.42
N ILE A 42 -5.88 -2.27 10.23
CA ILE A 42 -5.72 -0.83 10.12
C ILE A 42 -5.76 -0.22 11.50
N ASP A 43 -4.71 0.52 11.85
CA ASP A 43 -4.61 1.19 13.14
C ASP A 43 -5.00 2.66 13.06
N THR A 44 -4.48 3.38 12.08
CA THR A 44 -4.83 4.79 11.92
C THR A 44 -5.03 5.12 10.46
N VAL A 45 -5.83 6.17 10.24
CA VAL A 45 -6.13 6.69 8.91
C VAL A 45 -6.07 8.22 8.99
N ASN A 46 -5.41 8.83 8.00
CA ASN A 46 -5.36 10.28 7.88
CA ASN A 46 -5.30 10.28 7.88
C ASN A 46 -5.31 10.57 6.38
N LEU A 47 -6.50 10.51 5.78
CA LEU A 47 -6.64 10.61 4.33
C LEU A 47 -6.20 11.98 3.84
N PRO A 48 -5.48 12.05 2.72
CA PRO A 48 -4.98 13.33 2.19
C PRO A 48 -6.08 14.08 1.45
N LEU A 49 -7.07 14.55 2.21
CA LEU A 49 -8.19 15.26 1.61
C LEU A 49 -7.77 16.64 1.13
N TYR A 50 -6.75 17.24 1.75
CA TYR A 50 -6.24 18.54 1.35
C TYR A 50 -4.73 18.54 1.53
N LYS A 51 -4.09 19.63 1.08
CA LYS A 51 -2.65 19.79 1.19
C LYS A 51 -2.34 20.73 2.35
N ASP A 52 -1.85 20.17 3.44
CA ASP A 52 -1.25 20.94 4.52
C ASP A 52 -0.10 20.12 5.10
N SER A 53 0.29 20.43 6.33
CA SER A 53 1.43 19.75 6.93
C SER A 53 1.12 18.29 7.23
N ARG A 54 -0.09 18.01 7.72
CA ARG A 54 -0.46 16.65 8.09
C ARG A 54 -0.46 15.69 6.91
N SER A 55 -0.59 16.20 5.68
CA SER A 55 -0.64 15.31 4.53
C SER A 55 0.72 14.69 4.21
N LEU A 56 1.79 15.15 4.87
CA LEU A 56 3.09 14.48 4.77
C LEU A 56 3.23 13.34 5.77
N ASP A 57 2.47 13.37 6.87
CA ASP A 57 2.44 12.25 7.79
C ASP A 57 1.77 11.05 7.13
N PRO A 58 2.06 9.85 7.60
CA PRO A 58 1.46 8.65 6.99
C PRO A 58 -0.05 8.74 6.94
N HIS A 59 -0.61 8.40 5.79
CA HIS A 59 -2.06 8.38 5.61
C HIS A 59 -2.69 7.14 6.20
N VAL A 60 -1.93 6.04 6.29
CA VAL A 60 -2.42 4.81 6.90
C VAL A 60 -1.31 4.24 7.76
N THR A 61 -1.68 3.69 8.93
CA THR A 61 -0.76 2.85 9.68
C THR A 61 -1.51 1.60 10.13
N GLY A 62 -0.80 0.48 10.13
CA GLY A 62 -1.39 -0.77 10.56
C GLY A 62 -0.37 -1.83 10.83
N THR A 63 -0.83 -3.09 10.87
CA THR A 63 0.05 -4.23 11.13
C THR A 63 -0.16 -5.33 10.10
N PHE A 64 0.93 -5.99 9.74
CA PHE A 64 0.92 -7.28 9.08
C PHE A 64 1.14 -8.40 10.09
N THR A 65 0.43 -9.51 9.88
CA THR A 65 0.69 -10.73 10.63
C THR A 65 0.85 -11.88 9.64
N ILE A 66 1.99 -12.55 9.71
CA ILE A 66 2.28 -13.74 8.92
C ILE A 66 2.10 -14.93 9.84
N LYS A 67 1.31 -15.91 9.40
CA LYS A 67 1.07 -17.12 10.17
C LYS A 67 2.09 -18.19 9.80
N ASN A 68 2.75 -18.75 10.81
CA ASN A 68 3.71 -19.84 10.66
C ASN A 68 4.77 -19.51 9.61
N LEU A 69 5.53 -18.45 9.88
CA LEU A 69 6.60 -18.05 8.95
C LEU A 69 7.71 -19.10 8.92
N THR A 70 8.16 -19.53 10.09
CA THR A 70 9.09 -20.63 10.26
C THR A 70 8.33 -21.84 10.79
N PRO A 71 8.98 -23.00 10.87
CA PRO A 71 8.40 -24.08 11.69
C PRO A 71 8.31 -23.71 13.16
N VAL A 72 9.00 -22.67 13.60
CA VAL A 72 9.06 -22.32 15.01
C VAL A 72 8.13 -21.14 15.35
N LEU A 73 8.08 -20.13 14.48
CA LEU A 73 7.42 -18.87 14.79
C LEU A 73 6.00 -18.90 14.24
N ASP A 74 5.01 -19.04 15.13
CA ASP A 74 3.63 -19.15 14.70
C ASP A 74 3.02 -17.80 14.28
N LYS A 75 3.60 -16.69 14.72
CA LYS A 75 3.02 -15.37 14.46
C LYS A 75 4.17 -14.38 14.32
N VAL A 76 4.33 -13.81 13.12
CA VAL A 76 5.30 -12.74 12.89
C VAL A 76 4.53 -11.46 12.56
N VAL A 77 4.77 -10.41 13.34
CA VAL A 77 3.97 -9.19 13.23
C VAL A 77 4.88 -8.02 12.91
N THR A 78 4.54 -7.27 11.87
CA THR A 78 5.25 -6.06 11.51
C THR A 78 4.30 -4.86 11.56
N LEU A 79 4.87 -3.68 11.78
CA LEU A 79 4.13 -2.43 11.75
C LEU A 79 4.43 -1.73 10.44
N PHE A 80 3.39 -1.29 9.73
CA PHE A 80 3.57 -0.67 8.43
C PHE A 80 2.93 0.72 8.41
N GLU A 81 3.48 1.55 7.52
CA GLU A 81 2.99 2.90 7.24
C GLU A 81 2.76 3.05 5.74
N GLY A 82 1.86 3.95 5.37
CA GLY A 82 1.58 4.08 3.96
C GLY A 82 0.89 5.37 3.58
N TYR A 83 0.77 5.56 2.27
CA TYR A 83 0.25 6.78 1.66
C TYR A 83 -0.79 6.45 0.61
N VAL A 84 -1.77 7.34 0.46
CA VAL A 84 -2.91 7.14 -0.42
C VAL A 84 -2.76 8.05 -1.65
N ILE A 85 -2.95 7.47 -2.83
CA ILE A 85 -2.98 8.23 -4.07
C ILE A 85 -4.22 9.12 -4.09
N ASN A 86 -4.01 10.43 -4.20
CA ASN A 86 -5.13 11.35 -4.40
C ASN A 86 -5.04 12.11 -5.72
N TYR A 87 -4.07 11.75 -6.58
CA TYR A 87 -3.88 12.28 -7.92
C TYR A 87 -3.42 13.74 -7.93
N ASN A 88 -3.33 14.39 -6.77
CA ASN A 88 -2.98 15.80 -6.72
C ASN A 88 -1.58 15.90 -6.11
N GLN A 89 -1.45 16.19 -4.82
CA GLN A 89 -0.14 16.17 -4.18
C GLN A 89 0.48 14.78 -4.19
N PHE A 90 -0.35 13.74 -4.23
CA PHE A 90 0.10 12.35 -4.23
C PHE A 90 -0.41 11.66 -5.49
N PRO A 91 0.21 11.91 -6.64
CA PRO A 91 -0.25 11.32 -7.89
C PRO A 91 0.23 9.86 -8.02
N LEU A 92 -0.20 9.22 -9.10
CA LEU A 92 0.19 7.83 -9.33
C LEU A 92 1.70 7.70 -9.56
N CYS A 93 2.33 8.73 -10.15
CA CYS A 93 3.77 8.70 -10.36
C CYS A 93 4.47 9.16 -9.09
N SER A 94 5.07 8.21 -8.36
CA SER A 94 5.67 8.52 -7.06
C SER A 94 6.77 9.57 -7.18
N LEU A 95 7.46 9.63 -8.32
CA LEU A 95 8.53 10.60 -8.48
C LEU A 95 8.02 12.04 -8.46
N HIS A 96 6.71 12.26 -8.58
CA HIS A 96 6.14 13.59 -8.45
C HIS A 96 5.62 13.85 -7.04
N TRP A 97 5.88 12.95 -6.10
CA TRP A 97 5.53 13.17 -4.71
C TRP A 97 6.39 14.29 -4.12
N PRO A 98 5.94 14.89 -3.02
CA PRO A 98 6.74 15.95 -2.38
C PRO A 98 8.14 15.46 -2.04
N ALA A 99 9.06 16.42 -1.97
CA ALA A 99 10.48 16.13 -1.84
C ALA A 99 10.89 15.69 -0.45
N GLU A 100 9.96 15.58 0.49
N GLU A 100 9.95 15.58 0.49
CA GLU A 100 10.32 15.25 1.87
CA GLU A 100 10.26 15.18 1.86
C GLU A 100 10.98 13.87 1.93
C GLU A 100 11.01 13.86 1.89
N GLU A 101 12.06 13.79 2.73
CA GLU A 101 12.89 12.59 2.76
C GLU A 101 12.14 11.38 3.28
N THR A 102 11.18 11.57 4.18
CA THR A 102 10.48 10.41 4.72
C THR A 102 9.65 9.70 3.65
N LEU A 103 9.48 10.29 2.47
CA LEU A 103 8.78 9.63 1.38
C LEU A 103 9.73 8.88 0.44
N ASP A 104 11.05 9.02 0.62
CA ASP A 104 11.98 8.30 -0.23
C ASP A 104 11.75 6.79 -0.27
N PRO A 105 11.45 6.09 0.83
CA PRO A 105 11.25 4.63 0.74
C PRO A 105 10.11 4.22 -0.18
N TYR A 106 9.24 5.13 -0.60
CA TYR A 106 8.11 4.78 -1.45
C TYR A 106 8.37 5.05 -2.93
N MET A 107 9.56 5.50 -3.31
CA MET A 107 9.79 5.85 -4.70
C MET A 107 10.10 4.62 -5.55
N ALA A 108 9.72 4.71 -6.82
CA ALA A 108 10.11 3.75 -7.83
C ALA A 108 10.21 4.50 -9.15
N GLN A 109 10.84 3.85 -10.13
CA GLN A 109 10.93 4.42 -11.46
C GLN A 109 9.53 4.57 -12.06
N ARG A 110 9.42 5.50 -13.02
CA ARG A 110 8.11 5.79 -13.62
C ARG A 110 7.49 4.54 -14.24
N GLU A 111 8.27 3.78 -15.00
CA GLU A 111 7.73 2.58 -15.64
C GLU A 111 7.25 1.57 -14.63
N SER A 112 7.92 1.49 -13.47
CA SER A 112 7.50 0.56 -12.43
C SER A 112 6.12 0.93 -11.89
N ASP A 113 5.97 2.18 -11.43
CA ASP A 113 4.68 2.66 -10.97
C ASP A 113 3.61 2.42 -12.02
N CYS A 114 3.93 2.78 -13.27
CA CYS A 114 2.96 2.68 -14.35
C CYS A 114 2.48 1.24 -14.52
N SER A 115 3.41 0.31 -14.74
CA SER A 115 3.03 -1.06 -15.00
C SER A 115 2.29 -1.66 -13.81
N HIS A 116 2.73 -1.35 -12.59
CA HIS A 116 2.10 -1.96 -11.42
C HIS A 116 0.68 -1.44 -11.20
N TRP A 117 0.48 -0.13 -11.26
CA TRP A 117 -0.88 0.38 -11.19
C TRP A 117 -1.75 -0.21 -12.30
N LYS A 118 -1.26 -0.21 -13.54
CA LYS A 118 -2.06 -0.79 -14.62
C LYS A 118 -2.44 -2.23 -14.36
N ARG A 119 -1.56 -3.00 -13.75
CA ARG A 119 -1.79 -4.44 -13.65
C ARG A 119 -3.03 -4.80 -12.84
N PHE A 120 -3.49 -3.93 -11.93
CA PHE A 120 -4.72 -4.23 -11.20
C PHE A 120 -5.93 -4.35 -12.13
N GLY A 121 -5.88 -3.73 -13.31
CA GLY A 121 -6.88 -3.95 -14.32
C GLY A 121 -8.12 -3.09 -14.23
N HIS A 122 -8.09 -2.00 -13.46
CA HIS A 122 -9.28 -1.20 -13.25
C HIS A 122 -9.24 0.14 -13.97
N PHE A 123 -8.21 0.39 -14.77
CA PHE A 123 -8.12 1.62 -15.53
C PHE A 123 -8.71 1.44 -16.93
N GLY A 124 -9.14 2.56 -17.50
CA GLY A 124 -9.52 2.56 -18.90
C GLY A 124 -8.33 2.30 -19.80
N SER A 125 -8.62 1.89 -21.04
CA SER A 125 -7.59 1.55 -22.00
C SER A 125 -6.98 2.76 -22.68
N ASP A 126 -7.46 3.95 -22.38
CA ASP A 126 -7.19 5.12 -23.19
C ASP A 126 -6.16 6.01 -22.53
N ASN A 127 -5.29 6.60 -23.35
CA ASN A 127 -4.61 7.85 -23.06
C ASN A 127 -3.37 7.66 -22.18
N TRP A 128 -2.75 6.49 -22.20
CA TRP A 128 -1.67 6.20 -21.28
C TRP A 128 -0.36 6.83 -21.73
N SER A 129 0.24 7.61 -20.85
CA SER A 129 1.50 8.29 -21.12
C SER A 129 2.42 8.12 -19.92
N LEU A 130 3.61 7.61 -20.17
CA LEU A 130 4.58 7.44 -19.09
C LEU A 130 5.10 8.78 -18.56
N THR A 131 4.90 9.87 -19.30
CA THR A 131 5.46 11.17 -18.96
C THR A 131 4.48 12.11 -18.26
N GLU A 132 3.30 11.64 -17.89
CA GLU A 132 2.33 12.48 -17.23
C GLU A 132 2.19 12.03 -15.77
N ARG A 133 1.95 13.00 -14.89
CA ARG A 133 2.11 12.73 -13.45
C ARG A 133 1.09 11.75 -12.92
N ASN A 134 -0.03 11.55 -13.62
CA ASN A 134 -0.97 10.49 -13.29
C ASN A 134 -1.07 9.46 -14.42
N PHE A 135 -0.03 9.37 -15.24
CA PHE A 135 0.05 8.43 -16.36
C PHE A 135 -1.14 8.54 -17.30
N GLY A 136 -1.79 9.72 -17.31
CA GLY A 136 -2.90 9.96 -18.21
C GLY A 136 -4.24 9.46 -17.74
N GLN A 137 -4.43 9.27 -16.44
CA GLN A 137 -5.62 8.61 -15.91
C GLN A 137 -6.48 9.47 -15.01
N TYR A 138 -6.11 10.74 -14.80
CA TYR A 138 -6.86 11.66 -13.96
C TYR A 138 -7.09 12.93 -14.75
N ASN A 139 -8.34 13.19 -15.14
CA ASN A 139 -8.63 14.33 -15.98
C ASN A 139 -9.74 15.22 -15.43
N HIS A 140 -10.25 16.11 -16.29
CA HIS A 140 -11.27 17.06 -15.88
C HIS A 140 -12.57 16.37 -15.49
N GLU A 141 -12.85 15.18 -16.02
CA GLU A 141 -14.08 14.47 -15.74
C GLU A 141 -13.90 13.31 -14.77
N SER A 142 -12.75 13.21 -14.11
CA SER A 142 -12.54 12.16 -13.11
C SER A 142 -13.09 12.63 -11.76
N ALA A 143 -13.64 11.68 -11.01
CA ALA A 143 -14.06 11.98 -9.65
C ALA A 143 -12.84 12.04 -8.73
N GLU A 144 -12.99 12.77 -7.62
CA GLU A 144 -11.94 12.80 -6.62
C GLU A 144 -11.73 11.41 -6.05
N PHE A 145 -10.52 11.18 -5.53
CA PHE A 145 -10.06 9.82 -5.27
C PHE A 145 -10.99 9.08 -4.31
N MET A 146 -11.52 9.75 -3.29
CA MET A 146 -12.36 9.09 -2.29
C MET A 146 -13.69 8.67 -2.89
N ASN A 147 -14.07 9.26 -4.03
CA ASN A 147 -15.36 8.99 -4.64
C ASN A 147 -15.26 8.08 -5.85
N GLN A 148 -14.09 7.52 -6.12
CA GLN A 148 -13.94 6.47 -7.11
C GLN A 148 -14.07 5.11 -6.44
N ARG A 149 -14.40 4.10 -7.24
CA ARG A 149 -14.60 2.77 -6.68
C ARG A 149 -13.28 2.21 -6.13
N TYR A 150 -12.17 2.47 -6.80
CA TYR A 150 -10.89 1.85 -6.48
C TYR A 150 -9.93 2.90 -5.93
N ILE A 151 -9.31 2.60 -4.80
CA ILE A 151 -8.34 3.50 -4.17
C ILE A 151 -6.97 2.85 -4.23
N TYR A 152 -5.96 3.64 -4.56
CA TYR A 152 -4.60 3.15 -4.69
C TYR A 152 -3.75 3.67 -3.55
N LEU A 153 -2.89 2.80 -3.03
CA LEU A 153 -2.10 3.09 -1.84
C LEU A 153 -0.72 2.49 -2.03
N LYS A 154 0.24 2.97 -1.25
CA LYS A 154 1.54 2.35 -1.12
C LYS A 154 1.81 2.08 0.36
N TRP A 155 2.19 0.85 0.68
CA TRP A 155 2.47 0.44 2.05
C TRP A 155 3.91 -0.01 2.17
N LYS A 156 4.53 0.27 3.32
CA LYS A 156 5.86 -0.25 3.59
C LYS A 156 5.99 -0.55 5.08
N GLU A 157 6.42 -1.77 5.38
CA GLU A 157 6.68 -2.16 6.75
C GLU A 157 7.96 -1.49 7.24
N ARG A 158 7.99 -1.15 8.53
CA ARG A 158 9.21 -0.54 9.05
C ARG A 158 9.55 -0.92 10.48
N PHE A 159 8.73 -1.72 11.16
CA PHE A 159 9.09 -2.20 12.49
C PHE A 159 8.61 -3.63 12.69
N LEU A 160 9.40 -4.38 13.48
CA LEU A 160 8.99 -5.68 13.98
C LEU A 160 8.39 -5.50 15.37
N LEU A 161 7.28 -6.19 15.63
CA LEU A 161 6.59 -6.12 16.91
C LEU A 161 6.52 -7.52 17.54
N ASP A 162 5.99 -7.60 18.76
CA ASP A 162 5.84 -8.86 19.46
C ASP A 162 4.44 -9.45 19.30
N ASP A 163 3.41 -8.70 19.69
CA ASP A 163 2.02 -9.05 19.41
C ASP A 163 1.37 -7.89 18.66
N GLU A 164 0.09 -8.04 18.33
CA GLU A 164 -0.63 -6.96 17.68
C GLU A 164 -1.02 -5.84 18.64
N GLU A 165 -0.63 -5.94 19.91
CA GLU A 165 -0.78 -4.87 20.90
C GLU A 165 0.36 -3.87 20.85
N GLN A 166 1.39 -4.11 20.03
CA GLN A 166 2.33 -3.11 19.55
C GLN A 166 3.35 -2.61 20.58
N GLU A 167 4.37 -3.43 20.82
CA GLU A 167 5.62 -2.99 21.42
C GLU A 167 6.76 -3.34 20.46
N ASN A 168 7.77 -2.48 20.41
CA ASN A 168 8.84 -2.63 19.43
C ASN A 168 9.89 -3.64 19.90
N LEU A 169 10.51 -4.33 18.95
CA LEU A 169 11.56 -5.30 19.25
C LEU A 169 12.89 -4.85 18.64
N LEU A 177 14.30 -3.94 10.99
CA LEU A 177 14.03 -4.52 9.67
C LEU A 177 14.98 -3.94 8.66
N GLU A 178 16.08 -4.61 8.30
CA GLU A 178 17.05 -3.88 7.49
C GLU A 178 17.77 -4.70 6.42
N GLY A 179 17.49 -6.00 6.28
CA GLY A 179 18.08 -6.80 5.21
C GLY A 179 17.45 -6.57 3.86
N ALA A 180 17.84 -7.41 2.89
CA ALA A 180 17.33 -7.29 1.53
C ALA A 180 15.86 -7.68 1.44
N SER A 181 15.41 -8.63 2.25
CA SER A 181 14.02 -9.06 2.14
C SER A 181 13.04 -7.98 2.60
N PHE A 182 13.51 -6.81 3.00
CA PHE A 182 12.63 -5.72 3.43
C PHE A 182 12.74 -4.48 2.55
N GLU A 183 13.33 -4.60 1.36
CA GLU A 183 13.74 -3.40 0.63
C GLU A 183 12.61 -2.74 -0.14
N GLY A 184 11.64 -3.49 -0.62
CA GLY A 184 10.63 -2.90 -1.49
C GLY A 184 9.43 -2.24 -0.81
N PHE A 185 8.26 -2.38 -1.42
CA PHE A 185 7.03 -1.87 -0.83
C PHE A 185 5.86 -2.52 -1.57
N TYR A 186 4.65 -2.31 -1.04
CA TYR A 186 3.43 -2.83 -1.64
C TYR A 186 2.73 -1.72 -2.43
N TYR A 187 2.46 -1.98 -3.70
CA TYR A 187 1.36 -1.33 -4.40
C TYR A 187 0.07 -1.97 -3.93
N VAL A 188 -0.94 -1.16 -3.59
CA VAL A 188 -2.17 -1.66 -3.00
C VAL A 188 -3.36 -1.05 -3.72
N CYS A 189 -4.41 -1.85 -3.93
CA CYS A 189 -5.65 -1.39 -4.53
C CYS A 189 -6.81 -1.91 -3.70
N LEU A 190 -7.63 -0.98 -3.21
CA LEU A 190 -8.82 -1.30 -2.44
C LEU A 190 -10.05 -1.10 -3.30
N ASP A 191 -10.94 -2.08 -3.30
CA ASP A 191 -12.24 -1.98 -3.93
C ASP A 191 -13.24 -1.53 -2.88
N GLN A 192 -13.67 -0.26 -2.96
CA GLN A 192 -14.60 0.28 -1.97
C GLN A 192 -15.97 -0.38 -2.03
N LEU A 193 -16.33 -0.99 -3.15
CA LEU A 193 -17.66 -1.56 -3.27
C LEU A 193 -17.74 -2.92 -2.58
N THR A 194 -16.68 -3.73 -2.68
CA THR A 194 -16.69 -5.07 -2.10
C THR A 194 -15.78 -5.23 -0.89
N GLY A 195 -14.88 -4.28 -0.64
CA GLY A 195 -13.92 -4.43 0.43
C GLY A 195 -12.70 -5.26 0.09
N SER A 196 -12.64 -5.84 -1.10
N SER A 196 -12.65 -5.85 -1.09
CA SER A 196 -11.50 -6.65 -1.48
CA SER A 196 -11.49 -6.64 -1.50
C SER A 196 -10.26 -5.78 -1.65
C SER A 196 -10.25 -5.76 -1.63
N VAL A 197 -9.11 -6.31 -1.27
CA VAL A 197 -7.83 -5.61 -1.36
C VAL A 197 -6.86 -6.49 -2.14
N GLU A 198 -6.21 -5.92 -3.14
CA GLU A 198 -5.16 -6.59 -3.88
C GLU A 198 -3.86 -5.82 -3.71
N GLY A 199 -2.75 -6.52 -3.82
CA GLY A 199 -1.46 -5.88 -3.64
C GLY A 199 -0.38 -6.59 -4.41
N TYR A 200 0.67 -5.83 -4.72
CA TYR A 200 1.89 -6.39 -5.30
C TYR A 200 3.05 -5.91 -4.44
N TYR A 201 3.74 -6.84 -3.80
CA TYR A 201 5.02 -6.52 -3.16
C TYR A 201 6.09 -6.47 -4.23
N TYR A 202 6.68 -5.29 -4.40
CA TYR A 202 7.70 -5.02 -5.40
C TYR A 202 9.04 -4.83 -4.72
N HIS A 203 10.02 -5.59 -5.17
CA HIS A 203 11.41 -5.47 -4.73
C HIS A 203 12.20 -4.79 -5.83
N PRO A 204 12.83 -3.65 -5.58
CA PRO A 204 13.59 -2.97 -6.64
C PRO A 204 14.58 -3.86 -7.39
N ALA A 205 15.35 -4.68 -6.68
CA ALA A 205 16.47 -5.40 -7.27
C ALA A 205 16.06 -6.69 -7.97
N CYS A 206 14.79 -7.08 -7.91
N CYS A 206 14.79 -7.09 -7.87
CA CYS A 206 14.31 -8.29 -8.55
CA CYS A 206 14.29 -8.27 -8.54
C CYS A 206 13.03 -7.99 -9.31
C CYS A 206 13.06 -7.88 -9.35
N GLU A 207 12.99 -8.39 -10.58
CA GLU A 207 11.86 -8.07 -11.46
C GLU A 207 10.70 -9.05 -11.31
N LEU A 208 10.53 -9.64 -10.13
CA LEU A 208 9.34 -10.40 -9.78
C LEU A 208 8.71 -9.80 -8.54
N PHE A 209 7.41 -10.01 -8.39
CA PHE A 209 6.67 -9.49 -7.24
C PHE A 209 6.06 -10.66 -6.49
N GLN A 210 5.53 -10.36 -5.31
CA GLN A 210 4.63 -11.28 -4.63
C GLN A 210 3.23 -10.66 -4.61
N LYS A 211 2.20 -11.50 -4.59
CA LYS A 211 0.82 -11.08 -4.74
C LYS A 211 0.09 -11.17 -3.41
N LEU A 212 -0.50 -10.06 -2.98
CA LEU A 212 -1.30 -9.99 -1.77
C LEU A 212 -2.78 -9.97 -2.15
N GLU A 213 -3.58 -10.80 -1.48
CA GLU A 213 -5.02 -10.86 -1.72
C GLU A 213 -5.73 -10.95 -0.38
N LEU A 214 -6.64 -10.00 -0.12
CA LEU A 214 -7.31 -9.90 1.17
C LEU A 214 -8.78 -9.58 0.97
N VAL A 215 -9.60 -10.03 1.92
CA VAL A 215 -10.98 -9.58 2.07
C VAL A 215 -11.20 -9.20 3.53
N PRO A 216 -12.20 -8.36 3.82
CA PRO A 216 -12.48 -8.03 5.22
C PRO A 216 -12.90 -9.26 6.01
N THR A 217 -12.48 -9.30 7.27
CA THR A 217 -12.87 -10.42 8.14
C THR A 217 -14.20 -10.10 8.79
N PHE B 1 6.64 -7.89 3.45
CA PHE B 1 8.01 -7.93 2.93
C PHE B 1 8.20 -9.18 2.06
N TRP B 2 9.41 -9.37 1.55
CA TRP B 2 9.66 -10.50 0.65
C TRP B 2 9.70 -11.78 1.49
N LEU B 3 8.71 -12.63 1.30
CA LEU B 3 8.51 -13.79 2.15
C LEU B 3 9.31 -14.98 1.61
N PRO B 4 9.65 -15.93 2.48
CA PRO B 4 10.46 -17.07 2.04
C PRO B 4 9.75 -17.89 0.97
N ALA B 5 10.56 -18.60 0.17
CA ALA B 5 10.06 -19.50 -0.87
C ALA B 5 9.67 -20.83 -0.21
N ASN B 6 8.61 -20.77 0.59
CA ASN B 6 8.25 -21.95 1.38
C ASN B 6 7.66 -23.08 0.54
N LEU B 7 7.54 -22.92 -0.78
CA LEU B 7 7.14 -24.01 -1.66
C LEU B 7 8.29 -24.55 -2.49
N TRP B 8 9.48 -23.95 -2.40
CA TRP B 8 10.63 -24.32 -3.21
C TRP B 8 11.12 -25.72 -2.87
#